data_3GXE
#
_entry.id   3GXE
#
_cell.length_a   56.570
_cell.length_b   56.570
_cell.length_c   152.661
_cell.angle_alpha   90.000
_cell.angle_beta   90.000
_cell.angle_gamma   120.000
#
_symmetry.space_group_name_H-M   'P 31 2 1'
#
loop_
_entity.id
_entity.type
_entity.pdbx_description
1 polymer Fibronectin
2 polymer 'Collagen alpha-1(I) chain'
3 polymer 'Collagen alpha-1(I) chain'
4 non-polymer 2-acetamido-2-deoxy-beta-D-glucopyranose
5 non-polymer GLYCEROL
6 water water
#
loop_
_entity_poly.entity_id
_entity_poly.type
_entity_poly.pdbx_seq_one_letter_code
_entity_poly.pdbx_strand_id
1 'polypeptide(L)'
;DQCIVDDITYNVQDTFHKKHEEGHMLNCTCFGQGRGRWKCDPVDQCQDSETGTFYQIGDSWEKYVHGVRYQCYCYGRGIG
EWHCQPLQTYPSS
;
B,A
2 'polypeptide(L)' GL(HZP)GTAGL(HZP)GMKGHRGFSGLDGY F
3 'polypeptide(L)' GL(HYP)GTAGL(HYP)GMKGHRGFSGLDGY E
#
loop_
_chem_comp.id
_chem_comp.type
_chem_comp.name
_chem_comp.formula
GOL non-polymer GLYCEROL 'C3 H8 O3'
NAG D-saccharide, beta linking 2-acetamido-2-deoxy-beta-D-glucopyranose 'C8 H15 N O6'
#
# COMPACT_ATOMS: atom_id res chain seq x y z
N ASP A 1 -13.45 -15.67 -7.26
CA ASP A 1 -13.01 -15.93 -5.90
C ASP A 1 -12.52 -14.66 -5.23
N GLN A 2 -12.54 -14.64 -3.90
CA GLN A 2 -12.11 -13.48 -3.14
C GLN A 2 -11.39 -13.89 -1.86
N CYS A 3 -10.77 -12.93 -1.20
CA CYS A 3 -10.14 -13.17 0.09
C CYS A 3 -10.84 -12.37 1.16
N ILE A 4 -10.96 -12.95 2.35
CA ILE A 4 -11.51 -12.24 3.49
C ILE A 4 -10.50 -12.24 4.63
N VAL A 5 -10.03 -11.05 4.97
CA VAL A 5 -9.04 -10.90 6.02
C VAL A 5 -9.50 -9.80 6.98
N ASP A 6 -9.71 -10.13 8.25
CA ASP A 6 -10.13 -9.11 9.22
C ASP A 6 -11.38 -8.35 8.76
N ASP A 7 -12.40 -9.07 8.31
CA ASP A 7 -13.66 -8.46 7.90
C ASP A 7 -13.54 -7.61 6.63
N ILE A 8 -12.35 -7.60 6.03
CA ILE A 8 -12.14 -6.92 4.76
C ILE A 8 -12.09 -7.93 3.61
N THR A 9 -12.70 -7.56 2.49
CA THR A 9 -12.72 -8.43 1.32
C THR A 9 -11.81 -7.90 0.23
N TYR A 10 -10.99 -8.78 -0.34
CA TYR A 10 -10.07 -8.41 -1.41
C TYR A 10 -10.32 -9.24 -2.65
N ASN A 11 -9.94 -8.68 -3.80
CA ASN A 11 -10.02 -9.40 -5.06
C ASN A 11 -8.74 -10.17 -5.32
N VAL A 12 -8.83 -11.19 -6.17
CA VAL A 12 -7.65 -11.93 -6.57
C VAL A 12 -6.68 -10.96 -7.24
N GLN A 13 -5.39 -11.11 -6.93
CA GLN A 13 -4.34 -10.23 -7.44
C GLN A 13 -4.28 -8.88 -6.72
N ASP A 14 -5.07 -8.75 -5.66
CA ASP A 14 -5.02 -7.54 -4.83
C ASP A 14 -3.87 -7.58 -3.85
N THR A 15 -3.25 -6.43 -3.63
CA THR A 15 -2.21 -6.32 -2.62
C THR A 15 -2.61 -5.30 -1.56
N PHE A 16 -2.18 -5.52 -0.34
CA PHE A 16 -2.56 -4.66 0.77
C PHE A 16 -1.58 -4.80 1.91
N HIS A 17 -1.77 -3.99 2.95
CA HIS A 17 -0.91 -4.07 4.12
C HIS A 17 -1.72 -4.46 5.34
N LYS A 18 -1.03 -5.05 6.31
CA LYS A 18 -1.69 -5.60 7.48
C LYS A 18 -0.72 -5.57 8.66
N LYS A 19 -1.21 -5.18 9.82
CA LYS A 19 -0.39 -5.16 11.02
C LYS A 19 -0.50 -6.50 11.73
N HIS A 20 0.63 -7.17 11.88
CA HIS A 20 0.67 -8.43 12.61
C HIS A 20 0.27 -8.19 14.06
N GLU A 21 -0.21 -9.23 14.72
CA GLU A 21 -0.60 -9.11 16.13
C GLU A 21 0.58 -8.64 16.98
N GLU A 22 1.78 -9.09 16.62
CA GLU A 22 2.99 -8.73 17.35
C GLU A 22 3.37 -7.26 17.19
N GLY A 23 2.88 -6.62 16.12
CA GLY A 23 3.09 -5.20 15.93
C GLY A 23 3.81 -4.80 14.66
N HIS A 24 4.45 -5.74 13.99
CA HIS A 24 5.17 -5.44 12.76
C HIS A 24 4.27 -5.41 11.54
N MET A 25 4.69 -4.70 10.50
N MET A 25 4.71 -4.71 10.50
CA MET A 25 3.89 -4.53 9.30
CA MET A 25 3.91 -4.52 9.30
C MET A 25 4.10 -5.65 8.28
C MET A 25 4.09 -5.66 8.28
N LEU A 26 3.04 -5.94 7.53
CA LEU A 26 3.11 -6.97 6.51
C LEU A 26 2.63 -6.43 5.18
N ASN A 27 3.24 -6.90 4.09
CA ASN A 27 2.69 -6.68 2.76
C ASN A 27 2.06 -7.98 2.27
N CYS A 28 0.84 -7.88 1.74
CA CYS A 28 0.04 -9.06 1.49
C CYS A 28 -0.49 -9.16 0.07
N THR A 29 -0.92 -10.36 -0.30
CA THR A 29 -1.45 -10.63 -1.63
C THR A 29 -2.65 -11.58 -1.56
N CYS A 30 -3.69 -11.28 -2.32
CA CYS A 30 -4.85 -12.15 -2.40
C CYS A 30 -4.76 -13.07 -3.62
N PHE A 31 -4.68 -14.37 -3.36
CA PHE A 31 -4.62 -15.36 -4.42
C PHE A 31 -6.00 -15.95 -4.69
N GLY A 32 -6.78 -16.13 -3.63
CA GLY A 32 -8.05 -16.80 -3.74
C GLY A 32 -7.86 -18.27 -4.03
N GLN A 33 -7.74 -18.61 -5.30
CA GLN A 33 -7.45 -19.97 -5.73
C GLN A 33 -8.43 -21.00 -5.18
N GLY A 34 -9.71 -20.65 -5.15
CA GLY A 34 -10.74 -21.58 -4.75
C GLY A 34 -11.17 -21.49 -3.30
N ARG A 35 -10.26 -21.07 -2.43
CA ARG A 35 -10.54 -21.04 -1.00
C ARG A 35 -10.30 -19.69 -0.35
N GLY A 36 -10.12 -18.66 -1.16
CA GLY A 36 -9.81 -17.34 -0.64
C GLY A 36 -8.48 -17.32 0.09
N ARG A 37 -7.45 -17.84 -0.56
CA ARG A 37 -6.11 -17.89 0.01
C ARG A 37 -5.40 -16.54 -0.08
N TRP A 38 -4.69 -16.18 0.98
CA TRP A 38 -3.90 -14.96 1.01
C TRP A 38 -2.61 -15.17 1.80
N LYS A 39 -1.60 -14.38 1.49
CA LYS A 39 -0.32 -14.47 2.18
C LYS A 39 0.21 -13.09 2.55
N CYS A 40 0.93 -13.03 3.66
CA CYS A 40 1.52 -11.78 4.14
C CYS A 40 2.99 -11.95 4.46
N ASP A 41 3.80 -10.97 4.06
CA ASP A 41 5.24 -11.00 4.33
C ASP A 41 5.66 -9.88 5.26
N PRO A 42 6.67 -10.15 6.11
CA PRO A 42 7.24 -9.09 6.93
C PRO A 42 7.86 -8.03 6.04
N VAL A 43 7.39 -6.80 6.16
CA VAL A 43 7.97 -5.68 5.44
C VAL A 43 9.35 -5.34 6.00
N ASP A 44 10.19 -4.71 5.20
CA ASP A 44 11.45 -4.16 5.71
C ASP A 44 11.13 -3.01 6.66
N GLN A 45 11.49 -3.18 7.93
CA GLN A 45 11.16 -2.20 8.95
C GLN A 45 12.18 -2.26 10.10
N CYS A 46 12.06 -1.32 11.03
CA CYS A 46 12.97 -1.28 12.17
C CYS A 46 12.26 -1.68 13.45
N GLN A 47 12.99 -2.34 14.35
CA GLN A 47 12.46 -2.66 15.67
C GLN A 47 13.37 -2.10 16.75
N ASP A 48 12.79 -1.26 17.61
CA ASP A 48 13.53 -0.66 18.71
C ASP A 48 13.93 -1.76 19.70
N SER A 49 15.19 -1.71 20.15
CA SER A 49 15.74 -2.74 21.02
C SER A 49 15.08 -2.74 22.39
N GLU A 50 15.09 -1.58 23.04
CA GLU A 50 14.48 -1.41 24.36
C GLU A 50 12.97 -1.62 24.32
N THR A 51 12.28 -0.74 23.59
CA THR A 51 10.83 -0.74 23.58
C THR A 51 10.22 -1.94 22.83
N GLY A 52 10.99 -2.51 21.90
CA GLY A 52 10.48 -3.59 21.08
C GLY A 52 9.43 -3.09 20.11
N THR A 53 9.31 -1.77 20.03
CA THR A 53 8.35 -1.12 19.15
C THR A 53 8.83 -1.19 17.70
N PHE A 54 7.90 -1.33 16.77
CA PHE A 54 8.23 -1.36 15.35
C PHE A 54 8.04 -0.01 14.69
N TYR A 55 8.99 0.38 13.86
CA TYR A 55 8.91 1.62 13.11
C TYR A 55 9.11 1.36 11.62
N GLN A 56 8.37 2.10 10.79
CA GLN A 56 8.46 1.92 9.35
C GLN A 56 9.52 2.80 8.75
N ILE A 57 10.03 2.39 7.58
CA ILE A 57 11.03 3.17 6.88
C ILE A 57 10.56 4.60 6.70
N GLY A 58 11.38 5.55 7.14
CA GLY A 58 11.02 6.95 7.05
C GLY A 58 10.48 7.48 8.36
N ASP A 59 10.13 6.57 9.27
CA ASP A 59 9.63 6.94 10.59
C ASP A 59 10.75 7.45 11.46
N SER A 60 10.40 8.35 12.37
CA SER A 60 11.35 8.87 13.34
C SER A 60 10.72 8.86 14.72
N TRP A 61 11.49 8.50 15.73
CA TRP A 61 10.98 8.48 17.08
C TRP A 61 12.03 8.95 18.07
N GLU A 62 11.60 9.24 19.29
CA GLU A 62 12.52 9.66 20.34
C GLU A 62 12.54 8.62 21.45
N LYS A 63 13.64 8.58 22.19
CA LYS A 63 13.68 7.76 23.38
C LYS A 63 14.69 8.30 24.38
N TYR A 64 14.40 8.08 25.66
CA TYR A 64 15.30 8.44 26.74
C TYR A 64 16.08 7.21 27.17
N VAL A 65 17.40 7.30 27.09
CA VAL A 65 18.26 6.24 27.58
C VAL A 65 19.35 6.86 28.45
N HIS A 66 19.44 6.38 29.69
CA HIS A 66 20.37 6.96 30.66
C HIS A 66 20.20 8.47 30.73
N GLY A 67 18.94 8.90 30.81
CA GLY A 67 18.62 10.31 30.95
C GLY A 67 18.93 11.14 29.71
N VAL A 68 19.41 10.50 28.66
CA VAL A 68 19.70 11.19 27.42
C VAL A 68 18.58 11.00 26.42
N ARG A 69 18.18 12.08 25.77
CA ARG A 69 17.08 12.06 24.81
C ARG A 69 17.61 11.96 23.38
N TYR A 70 17.11 10.99 22.63
CA TYR A 70 17.58 10.77 21.27
C TYR A 70 16.47 10.90 20.24
N GLN A 71 16.84 11.32 19.03
CA GLN A 71 15.95 11.23 17.88
C GLN A 71 16.42 10.08 16.99
N CYS A 72 15.54 9.13 16.75
CA CYS A 72 15.87 7.93 15.98
C CYS A 72 15.21 7.93 14.61
N TYR A 73 15.77 7.15 13.68
CA TYR A 73 15.25 7.13 12.33
C TYR A 73 15.43 5.78 11.65
N CYS A 74 14.37 5.30 11.03
CA CYS A 74 14.40 4.01 10.34
C CYS A 74 14.79 4.17 8.88
N TYR A 75 15.97 3.63 8.54
CA TYR A 75 16.44 3.67 7.16
C TYR A 75 16.01 2.43 6.39
N GLY A 76 15.97 1.29 7.08
CA GLY A 76 15.61 0.02 6.46
C GLY A 76 16.77 -0.54 5.68
N ARG A 77 16.90 -0.09 4.43
CA ARG A 77 17.98 -0.50 3.54
C ARG A 77 18.13 -2.02 3.47
N GLY A 78 17.01 -2.72 3.56
CA GLY A 78 17.00 -4.16 3.41
C GLY A 78 17.46 -4.93 4.64
N ILE A 79 17.72 -4.22 5.72
CA ILE A 79 18.16 -4.87 6.96
C ILE A 79 17.58 -4.21 8.19
N GLY A 80 16.43 -3.56 8.02
CA GLY A 80 15.79 -2.86 9.12
C GLY A 80 16.78 -1.97 9.86
N GLU A 81 17.60 -1.26 9.10
CA GLU A 81 18.63 -0.40 9.65
C GLU A 81 18.07 0.90 10.20
N TRP A 82 18.44 1.22 11.44
CA TRP A 82 18.02 2.47 12.07
C TRP A 82 19.13 3.06 12.95
N HIS A 83 19.19 4.38 13.00
CA HIS A 83 20.19 5.10 13.79
C HIS A 83 19.58 6.21 14.64
N CYS A 84 20.21 6.52 15.76
CA CYS A 84 19.73 7.58 16.65
C CYS A 84 20.77 8.68 16.87
N GLN A 85 20.31 9.85 17.25
CA GLN A 85 21.20 10.96 17.55
C GLN A 85 20.71 11.71 18.79
N PRO A 86 21.64 12.19 19.62
CA PRO A 86 21.26 12.96 20.80
C PRO A 86 20.58 14.27 20.40
N LEU A 87 19.53 14.66 21.10
CA LEU A 87 18.89 15.95 20.84
C LEU A 87 19.89 17.10 20.99
N GLN A 88 19.92 17.99 20.00
CA GLN A 88 20.75 19.19 20.11
C GLN A 88 20.03 20.40 19.53
N THR A 89 20.46 21.59 19.95
CA THR A 89 19.84 22.84 19.54
C THR A 89 20.80 23.72 18.74
N GLY B 7 14.00 -14.15 11.97
CA GLY B 7 13.13 -13.41 11.08
C GLY B 7 11.73 -13.25 11.65
N LEU B 8 11.06 -12.18 11.24
CA LEU B 8 9.67 -11.95 11.65
C LEU B 8 8.74 -12.92 10.93
N HZP B 9 7.66 -13.31 11.60
CA HZP B 9 6.71 -14.21 10.99
C HZP B 9 5.82 -13.49 9.99
O HZP B 9 5.54 -12.29 10.12
CB HZP B 9 5.86 -14.74 12.13
CG HZP B 9 6.52 -14.32 13.43
CD HZP B 9 7.71 -13.43 13.07
OD1 HZP B 9 5.59 -13.63 14.22
N GLY B 10 5.40 -14.22 8.96
CA GLY B 10 4.37 -13.74 8.07
C GLY B 10 3.04 -14.32 8.49
N MET B 11 2.05 -14.24 7.60
CA MET B 11 0.75 -14.84 7.86
C MET B 11 0.17 -15.39 6.58
N LYS B 12 -0.64 -16.43 6.71
CA LYS B 12 -1.38 -16.96 5.58
C LYS B 12 -2.76 -17.32 6.08
N GLY B 13 -3.73 -17.32 5.17
CA GLY B 13 -5.10 -17.62 5.55
C GLY B 13 -5.93 -18.09 4.37
N HIS B 14 -7.07 -18.68 4.67
CA HIS B 14 -8.00 -19.16 3.66
C HIS B 14 -9.22 -19.70 4.38
N ARG B 15 -10.36 -19.70 3.70
CA ARG B 15 -11.58 -20.22 4.30
C ARG B 15 -11.37 -21.66 4.77
N GLY B 16 -11.83 -21.95 5.97
CA GLY B 16 -11.67 -23.28 6.54
C GLY B 16 -10.36 -23.42 7.27
N PHE B 17 -9.79 -22.29 7.68
CA PHE B 17 -8.56 -22.30 8.45
C PHE B 17 -8.85 -22.23 9.94
N ASP C 1 11.62 -12.43 -21.87
CA ASP C 1 10.39 -12.55 -21.11
C ASP C 1 9.54 -11.31 -21.25
N GLN C 2 8.23 -11.47 -21.04
CA GLN C 2 7.29 -10.35 -21.17
C GLN C 2 6.20 -10.44 -20.11
N CYS C 3 5.41 -9.38 -20.00
CA CYS C 3 4.26 -9.39 -19.11
C CYS C 3 2.98 -9.24 -19.92
N ILE C 4 1.93 -9.92 -19.50
CA ILE C 4 0.63 -9.78 -20.13
C ILE C 4 -0.38 -9.34 -19.08
N VAL C 5 -0.90 -8.13 -19.24
CA VAL C 5 -1.86 -7.58 -18.31
C VAL C 5 -3.08 -7.14 -19.08
N ASP C 6 -4.17 -7.83 -18.81
CA ASP C 6 -5.36 -7.79 -19.65
C ASP C 6 -4.95 -8.31 -21.02
N ASP C 7 -5.25 -7.57 -22.07
CA ASP C 7 -4.85 -7.99 -23.41
C ASP C 7 -3.55 -7.31 -23.83
N ILE C 8 -2.87 -6.67 -22.88
CA ILE C 8 -1.70 -5.87 -23.24
C ILE C 8 -0.39 -6.56 -22.87
N THR C 9 0.59 -6.45 -23.76
CA THR C 9 1.89 -7.04 -23.53
C THR C 9 2.94 -5.97 -23.27
N TYR C 10 3.74 -6.19 -22.22
CA TYR C 10 4.78 -5.25 -21.85
C TYR C 10 6.16 -5.92 -21.83
N ASN C 11 7.20 -5.12 -22.03
CA ASN C 11 8.56 -5.62 -21.95
C ASN C 11 9.09 -5.51 -20.53
N VAL C 12 10.10 -6.30 -20.21
CA VAL C 12 10.74 -6.21 -18.91
C VAL C 12 11.30 -4.81 -18.73
N GLN C 13 11.14 -4.25 -17.55
CA GLN C 13 11.55 -2.87 -17.24
C GLN C 13 10.58 -1.83 -17.77
N ASP C 14 9.45 -2.27 -18.31
CA ASP C 14 8.41 -1.33 -18.76
C ASP C 14 7.57 -0.86 -17.60
N THR C 15 7.16 0.41 -17.66
CA THR C 15 6.25 0.96 -16.68
C THR C 15 4.99 1.44 -17.36
N PHE C 16 3.87 1.37 -16.66
CA PHE C 16 2.59 1.74 -17.24
C PHE C 16 1.58 2.04 -16.13
N HIS C 17 0.41 2.49 -16.54
CA HIS C 17 -0.65 2.78 -15.58
C HIS C 17 -1.83 1.86 -15.81
N LYS C 18 -2.61 1.64 -14.76
CA LYS C 18 -3.71 0.70 -14.80
C LYS C 18 -4.78 1.10 -13.79
N LYS C 19 -6.04 1.02 -14.21
CA LYS C 19 -7.14 1.35 -13.32
C LYS C 19 -7.57 0.12 -12.56
N HIS C 20 -7.50 0.17 -11.24
CA HIS C 20 -7.95 -0.92 -10.40
C HIS C 20 -9.45 -1.11 -10.61
N GLU C 21 -9.94 -2.32 -10.33
CA GLU C 21 -11.36 -2.60 -10.46
C GLU C 21 -12.17 -1.65 -9.58
N GLU C 22 -11.64 -1.32 -8.41
CA GLU C 22 -12.31 -0.44 -7.46
C GLU C 22 -12.42 1.00 -7.97
N GLY C 23 -11.55 1.37 -8.90
CA GLY C 23 -11.62 2.68 -9.51
C GLY C 23 -10.39 3.57 -9.37
N HIS C 24 -9.49 3.23 -8.45
CA HIS C 24 -8.28 4.03 -8.24
C HIS C 24 -7.19 3.68 -9.26
N MET C 25 -6.32 4.63 -9.55
CA MET C 25 -5.25 4.43 -10.51
C MET C 25 -4.01 3.78 -9.89
N LEU C 26 -3.28 3.03 -10.70
CA LEU C 26 -2.08 2.33 -10.26
C LEU C 26 -0.91 2.67 -11.19
N ASN C 27 0.30 2.74 -10.63
CA ASN C 27 1.51 2.77 -11.45
C ASN C 27 2.19 1.40 -11.38
N CYS C 28 2.58 0.87 -12.53
CA CYS C 28 2.98 -0.52 -12.61
C CYS C 28 4.33 -0.72 -13.27
N THR C 29 4.91 -1.90 -13.04
CA THR C 29 6.20 -2.27 -13.59
C THR C 29 6.22 -3.72 -14.05
N CYS C 30 6.79 -3.97 -15.22
CA CYS C 30 6.97 -5.32 -15.71
C CYS C 30 8.36 -5.83 -15.33
N PHE C 31 8.42 -6.68 -14.31
CA PHE C 31 9.68 -7.21 -13.83
C PHE C 31 10.08 -8.45 -14.62
N GLY C 32 9.11 -9.31 -14.90
CA GLY C 32 9.35 -10.55 -15.60
C GLY C 32 9.98 -11.60 -14.71
N GLN C 33 11.31 -11.69 -14.78
CA GLN C 33 12.06 -12.62 -13.94
C GLN C 33 11.68 -14.08 -14.20
N GLY C 34 11.33 -14.38 -15.45
CA GLY C 34 11.06 -15.75 -15.84
C GLY C 34 9.64 -16.22 -15.57
N ARG C 35 8.81 -15.35 -15.00
CA ARG C 35 7.42 -15.69 -14.75
C ARG C 35 6.48 -14.59 -15.21
N GLY C 36 7.05 -13.56 -15.84
CA GLY C 36 6.27 -12.42 -16.28
C GLY C 36 5.64 -11.71 -15.09
N ARG C 37 6.44 -11.52 -14.05
CA ARG C 37 5.98 -10.86 -12.84
C ARG C 37 5.75 -9.38 -13.08
N TRP C 38 4.53 -8.92 -12.81
CA TRP C 38 4.25 -7.49 -12.82
C TRP C 38 3.65 -7.05 -11.50
N LYS C 39 3.87 -5.80 -11.14
CA LYS C 39 3.35 -5.25 -9.91
C LYS C 39 2.76 -3.86 -10.13
N CYS C 40 1.73 -3.52 -9.37
CA CYS C 40 1.07 -2.23 -9.47
C CYS C 40 0.92 -1.60 -8.09
N ASP C 41 1.18 -0.29 -8.01
CA ASP C 41 1.05 0.43 -6.76
C ASP C 41 -0.04 1.48 -6.85
N PRO C 42 -0.74 1.72 -5.73
CA PRO C 42 -1.70 2.81 -5.66
C PRO C 42 -0.99 4.14 -5.86
N VAL C 43 -1.40 4.87 -6.89
CA VAL C 43 -0.87 6.22 -7.18
C VAL C 43 -1.38 7.22 -6.16
N ASP C 44 -0.59 8.25 -5.86
CA ASP C 44 -1.09 9.34 -5.01
C ASP C 44 -2.27 10.01 -5.71
N GLN C 45 -3.44 9.91 -5.09
CA GLN C 45 -4.67 10.44 -5.68
C GLN C 45 -5.68 10.81 -4.61
N CYS C 46 -6.78 11.42 -5.02
CA CYS C 46 -7.82 11.82 -4.07
C CYS C 46 -9.07 10.95 -4.23
N GLN C 47 -9.75 10.71 -3.11
CA GLN C 47 -11.03 10.00 -3.14
C GLN C 47 -12.11 10.83 -2.49
N ASP C 48 -13.16 11.12 -3.26
CA ASP C 48 -14.28 11.90 -2.76
C ASP C 48 -14.99 11.10 -1.66
N SER C 49 -15.32 11.78 -0.56
CA SER C 49 -15.93 11.14 0.59
C SER C 49 -17.33 10.61 0.30
N GLU C 50 -18.19 11.50 -0.21
CA GLU C 50 -19.55 11.14 -0.54
C GLU C 50 -19.61 10.15 -1.70
N THR C 51 -19.13 10.58 -2.86
CA THR C 51 -19.24 9.78 -4.08
C THR C 51 -18.34 8.55 -4.08
N GLY C 52 -17.26 8.61 -3.31
CA GLY C 52 -16.30 7.52 -3.29
C GLY C 52 -15.54 7.47 -4.61
N THR C 53 -15.73 8.50 -5.43
CA THR C 53 -15.07 8.60 -6.72
C THR C 53 -13.61 8.99 -6.56
N PHE C 54 -12.76 8.46 -7.44
CA PHE C 54 -11.34 8.79 -7.40
C PHE C 54 -10.99 9.87 -8.39
N TYR C 55 -10.16 10.81 -7.95
CA TYR C 55 -9.67 11.87 -8.83
C TYR C 55 -8.16 11.93 -8.79
N GLN C 56 -7.55 12.23 -9.93
CA GLN C 56 -6.11 12.29 -10.04
C GLN C 56 -5.58 13.69 -9.72
N ILE C 57 -4.34 13.76 -9.28
CA ILE C 57 -3.71 15.03 -8.99
C ILE C 57 -3.85 15.98 -10.18
N GLY C 58 -4.39 17.17 -9.94
CA GLY C 58 -4.62 18.14 -10.99
C GLY C 58 -6.05 18.12 -11.47
N ASP C 59 -6.77 17.07 -11.12
CA ASP C 59 -8.17 16.94 -11.49
C ASP C 59 -9.04 17.89 -10.67
N SER C 60 -10.14 18.34 -11.27
CA SER C 60 -11.09 19.18 -10.59
C SER C 60 -12.50 18.66 -10.86
N TRP C 61 -13.35 18.67 -9.84
CA TRP C 61 -14.72 18.22 -10.00
C TRP C 61 -15.68 19.08 -9.19
N GLU C 62 -16.96 18.95 -9.49
CA GLU C 62 -17.99 19.67 -8.75
C GLU C 62 -18.89 18.70 -8.00
N LYS C 63 -19.54 19.18 -6.95
CA LYS C 63 -20.42 18.33 -6.14
C LYS C 63 -21.31 19.13 -5.19
N TYR C 64 -22.53 18.66 -4.99
CA TYR C 64 -23.43 19.24 -4.01
C TYR C 64 -23.32 18.49 -2.69
N VAL C 65 -23.02 19.20 -1.63
CA VAL C 65 -22.96 18.60 -0.30
C VAL C 65 -23.91 19.30 0.66
N HIS C 66 -24.83 18.53 1.22
CA HIS C 66 -25.87 19.07 2.09
C HIS C 66 -26.45 20.37 1.53
N GLY C 67 -26.76 20.35 0.24
CA GLY C 67 -27.44 21.46 -0.40
C GLY C 67 -26.53 22.63 -0.71
N VAL C 68 -25.22 22.40 -0.67
CA VAL C 68 -24.27 23.45 -1.00
C VAL C 68 -23.27 22.98 -2.04
N ARG C 69 -23.18 23.73 -3.13
CA ARG C 69 -22.30 23.38 -4.25
C ARG C 69 -20.85 23.67 -3.90
N TYR C 70 -19.96 22.73 -4.22
CA TYR C 70 -18.54 22.89 -3.93
C TYR C 70 -17.68 22.60 -5.14
N GLN C 71 -16.63 23.40 -5.31
CA GLN C 71 -15.63 23.15 -6.35
C GLN C 71 -14.42 22.48 -5.72
N CYS C 72 -14.15 21.25 -6.14
CA CYS C 72 -13.06 20.46 -5.55
C CYS C 72 -11.86 20.29 -6.49
N TYR C 73 -10.69 20.15 -5.88
CA TYR C 73 -9.43 20.00 -6.62
C TYR C 73 -8.48 19.06 -5.88
N CYS C 74 -7.87 18.14 -6.62
CA CYS C 74 -6.95 17.18 -6.03
C CYS C 74 -5.51 17.69 -6.05
N TYR C 75 -4.96 17.93 -4.87
CA TYR C 75 -3.58 18.40 -4.75
C TYR C 75 -2.62 17.22 -4.57
N GLY C 76 -3.08 16.19 -3.86
CA GLY C 76 -2.28 15.02 -3.63
C GLY C 76 -1.26 15.18 -2.52
N ARG C 77 -0.01 15.45 -2.89
CA ARG C 77 1.07 15.63 -1.92
C ARG C 77 1.30 14.39 -1.05
N GLY C 78 1.30 13.21 -1.66
CA GLY C 78 1.64 11.97 -0.98
C GLY C 78 0.61 11.47 0.01
N ILE C 79 -0.52 12.17 0.14
CA ILE C 79 -1.56 11.77 1.08
C ILE C 79 -2.94 11.80 0.44
N GLY C 80 -3.02 12.32 -0.78
CA GLY C 80 -4.28 12.43 -1.48
C GLY C 80 -5.09 13.62 -0.98
N GLU C 81 -4.40 14.75 -0.83
CA GLU C 81 -5.02 15.96 -0.32
C GLU C 81 -5.88 16.66 -1.38
N TRP C 82 -7.11 16.99 -1.02
CA TRP C 82 -8.01 17.71 -1.92
C TRP C 82 -8.91 18.65 -1.13
N HIS C 83 -9.36 19.74 -1.75
CA HIS C 83 -10.27 20.62 -1.03
C HIS C 83 -11.23 21.44 -1.88
N CYS C 84 -12.44 21.58 -1.35
CA CYS C 84 -13.53 22.21 -2.06
C CYS C 84 -13.78 23.59 -1.48
N GLN C 85 -14.28 24.48 -2.33
CA GLN C 85 -14.70 25.80 -1.90
C GLN C 85 -16.11 26.05 -2.41
N PRO C 86 -16.89 26.84 -1.67
CA PRO C 86 -18.31 27.07 -1.98
C PRO C 86 -18.52 27.68 -3.36
N LEU C 87 -19.55 27.21 -4.06
CA LEU C 87 -19.92 27.75 -5.38
C LEU C 87 -18.73 27.90 -6.30
N GLY D 1 -10.63 16.55 3.22
CA GLY D 1 -9.40 16.49 4.00
C GLY D 1 -8.33 15.66 3.32
N LEU D 2 -8.33 14.36 3.58
CA LEU D 2 -7.38 13.45 2.96
C LEU D 2 -7.77 11.99 3.17
N GLY D 7 -5.44 2.34 3.20
CA GLY D 7 -4.77 2.54 1.93
C GLY D 7 -5.43 1.79 0.80
N LEU D 8 -5.28 2.29 -0.42
CA LEU D 8 -5.82 1.64 -1.60
C LEU D 8 -4.99 0.40 -1.93
N HYP D 9 -5.63 -0.61 -2.50
CA HYP D 9 -4.94 -1.83 -2.86
C HYP D 9 -4.17 -1.71 -4.18
O HYP D 9 -4.64 -1.07 -5.13
CB HYP D 9 -6.03 -2.87 -3.05
CG HYP D 9 -7.31 -2.29 -2.46
CD HYP D 9 -7.03 -0.84 -2.11
OD1 HYP D 9 -7.63 -3.03 -1.31
N GLY D 10 -2.99 -2.32 -4.23
CA GLY D 10 -2.26 -2.44 -5.48
C GLY D 10 -2.64 -3.74 -6.16
N MET D 11 -1.85 -4.13 -7.15
CA MET D 11 -2.05 -5.39 -7.83
C MET D 11 -0.72 -6.01 -8.20
N LYS D 12 -0.70 -7.33 -8.25
CA LYS D 12 0.47 -8.04 -8.72
C LYS D 12 -0.02 -9.20 -9.57
N GLY D 13 0.81 -9.66 -10.50
CA GLY D 13 0.42 -10.74 -11.37
C GLY D 13 1.61 -11.44 -11.98
N HIS D 14 1.38 -12.63 -12.51
CA HIS D 14 2.41 -13.42 -13.17
C HIS D 14 1.76 -14.67 -13.73
N ARG D 15 2.41 -15.28 -14.70
CA ARG D 15 1.91 -16.51 -15.30
C ARG D 15 1.58 -17.54 -14.22
N GLY D 16 0.33 -17.99 -14.21
CA GLY D 16 -0.10 -19.01 -13.26
C GLY D 16 -0.32 -18.46 -11.86
N PHE D 17 -0.80 -17.23 -11.79
CA PHE D 17 -1.10 -16.61 -10.50
C PHE D 17 -2.07 -17.48 -9.73
N SER D 18 -3.06 -18.03 -10.43
CA SER D 18 -4.06 -18.90 -9.82
C SER D 18 -4.74 -19.78 -10.87
N GLY D 19 -5.18 -20.96 -10.44
CA GLY D 19 -5.88 -21.88 -11.33
C GLY D 19 -7.22 -21.34 -11.79
N LEU D 20 -7.85 -22.08 -12.71
CA LEU D 20 -9.11 -21.71 -13.36
C LEU D 20 -8.88 -21.32 -14.83
C1 NAG E . 5.81 -8.31 -0.34
C2 NAG E . 5.25 -9.43 -1.20
C3 NAG E . 6.32 -10.12 -2.04
C4 NAG E . 7.15 -9.09 -2.78
C5 NAG E . 7.72 -8.08 -1.78
C6 NAG E . 8.55 -7.04 -2.52
C7 NAG E . 3.31 -10.75 -0.57
C8 NAG E . 2.83 -12.00 0.08
N2 NAG E . 4.60 -10.43 -0.38
O3 NAG E . 5.71 -10.99 -2.95
O4 NAG E . 8.20 -9.73 -3.46
O5 NAG E . 6.68 -7.45 -1.07
O6 NAG E . 9.03 -6.08 -1.59
O7 NAG E . 2.56 -10.04 -1.24
C1 NAG F . 5.14 3.52 -8.57
C2 NAG F . 6.14 2.37 -8.60
C3 NAG F . 7.20 2.49 -7.51
C4 NAG F . 7.79 3.88 -7.50
C5 NAG F . 6.67 4.91 -7.37
C6 NAG F . 7.25 6.32 -7.36
C7 NAG F . 5.60 0.15 -9.39
C8 NAG F . 5.19 -1.24 -8.99
N2 NAG F . 5.47 1.09 -8.46
O3 NAG F . 8.23 1.55 -7.74
O4 NAG F . 8.68 4.03 -6.42
O5 NAG F . 5.75 4.78 -8.44
O6 NAG F . 6.21 7.27 -7.32
O7 NAG F . 6.04 0.39 -10.51
C1 GOL G . 9.43 -4.93 -6.33
O1 GOL G . 9.64 -4.38 -5.05
C2 GOL G . 9.70 -6.43 -6.31
O2 GOL G . 10.98 -6.68 -6.83
C3 GOL G . 8.65 -7.14 -7.15
O3 GOL G . 9.10 -8.45 -7.46
#